data_3TMD
#
_entry.id   3TMD
#
_cell.length_a   101.010
_cell.length_b   101.010
_cell.length_c   94.500
_cell.angle_alpha   90.00
_cell.angle_beta   90.00
_cell.angle_gamma   120.00
#
_symmetry.space_group_name_H-M   'P 31 2 1'
#
loop_
_entity.id
_entity.type
_entity.pdbx_description
1 polymer 'Uncharacterized protein'
2 non-polymer 'FE (III) ION'
3 non-polymer 'PHOSPHATE ION'
4 water water
#
_entity_poly.entity_id   1
_entity_poly.type   'polypeptide(L)'
_entity_poly.pdbx_seq_one_letter_code
;MGSSHHHHHHSSGLVPRGSHMDYVSIRVSTLRGDQKIDFNAYVKINDKMILYLRRGDSFEGERLKRLKDKKLRKMYILTD
EENSYRTYLQKNIETAYDDTTGKDIQTRADIIQGSQQNNAEEVFENPENVESYNYCKDAAGKYVNFIMSNAQALSAVMNI
ENTDKTISHHGVTVSTLSIALAQKLGITDPKKTQLLTLGALLHDYGHHHSPLNLNQPLDSMSPEDLALWKKHPIEGAQKV
QDKKHFDQTVINIIGQHEETINGTGPKGLREKDMDPLAVLVSSANAMDRLITFEGVPKAEAAKKLMIDHVGKHPLQHIQH
LNDILKGL
;
_entity_poly.pdbx_strand_id   A
#
loop_
_chem_comp.id
_chem_comp.type
_chem_comp.name
_chem_comp.formula
FE non-polymer 'FE (III) ION' 'Fe 3'
PO4 non-polymer 'PHOSPHATE ION' 'O4 P -3'
#
# COMPACT_ATOMS: atom_id res chain seq x y z
N ASP A 22 17.02 25.38 -0.16
CA ASP A 22 16.27 26.18 -1.13
C ASP A 22 14.99 25.48 -1.64
N TYR A 23 15.07 24.15 -1.77
CA TYR A 23 13.93 23.34 -2.19
C TYR A 23 13.63 22.21 -1.17
N VAL A 24 12.36 21.85 -1.01
CA VAL A 24 12.03 20.71 -0.16
C VAL A 24 11.27 19.61 -0.91
N SER A 25 11.75 18.38 -0.80
CA SER A 25 11.15 17.29 -1.56
C SER A 25 9.82 16.83 -0.96
N ILE A 26 8.90 16.47 -1.85
CA ILE A 26 7.62 15.91 -1.48
C ILE A 26 7.45 14.63 -2.28
N ARG A 27 6.61 13.72 -1.76
CA ARG A 27 6.19 12.50 -2.45
C ARG A 27 5.00 12.78 -3.38
N VAL A 28 5.11 12.31 -4.62
CA VAL A 28 4.05 12.52 -5.62
C VAL A 28 2.65 12.01 -5.22
N SER A 29 2.58 10.98 -4.38
CA SER A 29 1.29 10.38 -3.98
C SER A 29 0.43 11.32 -3.13
N THR A 30 1.02 12.44 -2.71
CA THR A 30 0.31 13.47 -1.95
C THR A 30 -0.39 14.49 -2.82
N LEU A 31 -0.18 14.41 -4.13
CA LEU A 31 -0.88 15.29 -5.06
C LEU A 31 -2.01 14.49 -5.72
N ARG A 32 -3.23 14.72 -5.25
CA ARG A 32 -4.41 13.93 -5.62
C ARG A 32 -5.67 14.80 -5.54
N GLY A 33 -6.76 14.33 -6.16
CA GLY A 33 -8.03 15.03 -6.05
C GLY A 33 -8.12 16.36 -6.77
N ASP A 34 -9.24 17.05 -6.56
CA ASP A 34 -9.65 18.14 -7.44
C ASP A 34 -9.35 19.56 -6.94
N GLN A 35 -8.75 19.67 -5.77
CA GLN A 35 -8.36 20.98 -5.24
C GLN A 35 -7.17 21.57 -6.03
N LYS A 36 -7.34 22.80 -6.52
CA LYS A 36 -6.25 23.48 -7.21
C LYS A 36 -5.10 23.87 -6.28
N ILE A 37 -3.87 23.60 -6.73
CA ILE A 37 -2.69 23.83 -5.90
C ILE A 37 -2.29 25.31 -5.83
N ASP A 38 -1.81 25.75 -4.67
CA ASP A 38 -1.43 27.15 -4.46
C ASP A 38 0.09 27.28 -4.41
N PHE A 39 0.77 26.40 -5.14
CA PHE A 39 2.23 26.36 -5.14
C PHE A 39 2.71 25.80 -6.47
N ASN A 40 4.01 25.92 -6.74
CA ASN A 40 4.59 25.29 -7.92
C ASN A 40 5.40 24.07 -7.51
N ALA A 41 5.46 23.09 -8.40
CA ALA A 41 6.21 21.87 -8.08
C ALA A 41 7.25 21.56 -9.16
N TYR A 42 8.48 21.30 -8.74
CA TYR A 42 9.57 21.06 -9.67
C TYR A 42 10.01 19.61 -9.70
N VAL A 43 10.40 19.14 -10.88
CA VAL A 43 11.15 17.90 -11.00
C VAL A 43 12.63 18.22 -11.27
N LYS A 44 13.50 17.28 -10.94
CA LYS A 44 14.94 17.52 -11.01
C LYS A 44 15.53 16.86 -12.26
N ILE A 45 16.17 17.66 -13.12
CA ILE A 45 16.88 17.12 -14.28
C ILE A 45 18.31 17.60 -14.31
N ASN A 46 19.24 16.64 -14.32
CA ASN A 46 20.67 16.95 -14.35
C ASN A 46 21.01 18.05 -13.37
N ASP A 47 20.51 17.89 -12.15
CA ASP A 47 20.83 18.78 -11.04
C ASP A 47 20.09 20.12 -11.06
N LYS A 48 19.30 20.36 -12.11
CA LYS A 48 18.50 21.58 -12.17
C LYS A 48 16.99 21.31 -11.96
N MET A 49 16.29 22.32 -11.46
CA MET A 49 14.88 22.18 -11.10
C MET A 49 13.94 22.71 -12.17
N ILE A 50 13.35 21.79 -12.93
CA ILE A 50 12.40 22.15 -13.97
C ILE A 50 11.05 22.38 -13.32
N LEU A 51 10.40 23.50 -13.65
CA LEU A 51 9.01 23.68 -13.22
C LEU A 51 8.05 22.79 -14.02
N TYR A 52 7.48 21.79 -13.34
CA TYR A 52 6.52 20.85 -13.95
C TYR A 52 5.07 21.19 -13.64
N LEU A 53 4.75 21.28 -12.35
CA LEU A 53 3.39 21.58 -11.89
C LEU A 53 3.18 23.04 -11.49
N ARG A 54 2.26 23.69 -12.18
CA ARG A 54 2.04 25.13 -12.01
C ARG A 54 0.77 25.47 -11.25
N ARG A 55 0.89 26.44 -10.34
CA ARG A 55 -0.25 27.01 -9.62
C ARG A 55 -1.60 26.83 -10.36
N GLY A 56 -2.62 26.40 -9.61
CA GLY A 56 -3.96 26.24 -10.15
C GLY A 56 -4.20 24.89 -10.80
N ASP A 57 -3.22 24.01 -10.72
CA ASP A 57 -3.34 22.68 -11.31
C ASP A 57 -4.06 21.76 -10.35
N SER A 58 -4.71 20.72 -10.90
CA SER A 58 -5.50 19.76 -10.13
C SER A 58 -5.28 18.37 -10.72
N PHE A 59 -5.75 17.32 -10.05
CA PHE A 59 -5.33 15.97 -10.43
C PHE A 59 -6.44 14.91 -10.45
N GLU A 60 -7.66 15.36 -10.61
CA GLU A 60 -8.80 14.46 -10.64
C GLU A 60 -8.99 13.86 -12.04
N GLY A 61 -9.56 12.67 -12.11
CA GLY A 61 -9.83 12.07 -13.40
C GLY A 61 -8.63 11.44 -14.08
N GLU A 62 -8.46 11.71 -15.37
CA GLU A 62 -7.38 11.09 -16.11
C GLU A 62 -6.05 11.78 -15.85
N ARG A 63 -6.12 12.91 -15.16
CA ARG A 63 -4.92 13.65 -14.74
C ARG A 63 -4.01 12.79 -13.88
N LEU A 64 -4.60 12.09 -12.92
CA LEU A 64 -3.86 11.23 -12.03
C LEU A 64 -3.14 10.11 -12.79
N LYS A 65 -3.74 9.65 -13.90
CA LYS A 65 -3.09 8.62 -14.71
C LYS A 65 -1.89 9.22 -15.44
N ARG A 66 -2.11 10.32 -16.15
CA ARG A 66 -1.02 10.97 -16.85
C ARG A 66 0.12 11.28 -15.90
N LEU A 67 -0.22 11.68 -14.69
CA LEU A 67 0.77 11.99 -13.67
C LEU A 67 1.54 10.76 -13.21
N LYS A 68 0.88 9.61 -13.22
CA LYS A 68 1.54 8.40 -12.76
C LYS A 68 2.29 7.66 -13.87
N ASP A 69 1.95 7.99 -15.12
CA ASP A 69 2.63 7.38 -16.26
C ASP A 69 4.10 7.77 -16.30
N LYS A 70 4.43 8.90 -15.68
CA LYS A 70 5.81 9.32 -15.46
C LYS A 70 6.31 8.77 -14.13
N LYS A 71 7.40 8.01 -14.14
CA LYS A 71 7.91 7.43 -12.91
C LYS A 71 8.52 8.49 -11.99
N LEU A 72 7.69 9.45 -11.58
CA LEU A 72 8.15 10.45 -10.64
C LEU A 72 7.79 9.98 -9.24
N ARG A 73 8.81 9.61 -8.47
CA ARG A 73 8.59 9.31 -7.06
C ARG A 73 8.57 10.63 -6.32
N LYS A 74 9.54 11.48 -6.64
CA LYS A 74 9.71 12.75 -5.94
C LYS A 74 9.55 13.98 -6.79
N MET A 75 9.03 15.03 -6.16
CA MET A 75 9.08 16.37 -6.70
C MET A 75 9.54 17.28 -5.60
N TYR A 76 9.60 18.58 -5.89
CA TYR A 76 10.20 19.55 -4.98
C TYR A 76 9.42 20.85 -4.97
N ILE A 77 9.47 21.53 -3.85
CA ILE A 77 8.79 22.80 -3.74
C ILE A 77 9.74 23.77 -3.08
N LEU A 78 9.57 25.06 -3.37
CA LEU A 78 10.35 26.13 -2.78
C LEU A 78 10.12 26.21 -1.26
N THR A 79 11.19 26.12 -0.48
CA THR A 79 11.07 26.16 0.96
C THR A 79 10.08 27.21 1.47
N ASP A 80 9.86 28.28 0.71
CA ASP A 80 8.89 29.29 1.14
C ASP A 80 7.48 29.10 0.56
N GLU A 81 7.24 27.95 -0.07
CA GLU A 81 5.89 27.56 -0.47
C GLU A 81 5.40 26.31 0.28
N GLU A 82 6.18 25.88 1.27
CA GLU A 82 5.90 24.66 2.03
C GLU A 82 4.56 24.71 2.78
N ASN A 83 4.36 25.77 3.57
CA ASN A 83 3.11 25.96 4.28
C ASN A 83 1.95 25.81 3.30
N SER A 84 2.04 26.52 2.19
CA SER A 84 1.02 26.42 1.16
C SER A 84 0.74 24.97 0.78
N TYR A 85 1.78 24.21 0.42
CA TYR A 85 1.63 22.80 0.07
C TYR A 85 1.05 22.00 1.23
N ARG A 86 1.71 22.10 2.38
CA ARG A 86 1.34 21.33 3.56
C ARG A 86 -0.06 21.63 4.04
N THR A 87 -0.46 22.90 3.94
CA THR A 87 -1.84 23.25 4.21
C THR A 87 -2.74 22.55 3.21
N TYR A 88 -2.34 22.56 1.95
CA TYR A 88 -3.07 21.86 0.89
C TYR A 88 -3.28 20.36 1.23
N LEU A 89 -2.23 19.72 1.77
CA LEU A 89 -2.22 18.29 2.03
C LEU A 89 -3.20 17.97 3.15
N GLN A 90 -3.16 18.80 4.20
CA GLN A 90 -4.03 18.58 5.35
C GLN A 90 -5.50 18.75 4.96
N LYS A 91 -5.83 19.87 4.33
CA LYS A 91 -7.20 20.07 3.87
C LYS A 91 -7.67 18.95 2.94
N ASN A 92 -6.73 18.44 2.15
CA ASN A 92 -6.99 17.37 1.19
C ASN A 92 -7.48 16.09 1.89
N ILE A 93 -6.67 15.63 2.84
CA ILE A 93 -6.98 14.41 3.56
C ILE A 93 -8.17 14.63 4.49
N GLU A 94 -8.23 15.80 5.12
CA GLU A 94 -9.35 16.12 6.00
C GLU A 94 -10.66 15.91 5.28
N THR A 95 -10.88 16.69 4.23
CA THR A 95 -12.14 16.61 3.49
C THR A 95 -12.35 15.26 2.79
N ALA A 96 -11.29 14.47 2.63
CA ALA A 96 -11.43 13.20 1.93
C ALA A 96 -12.04 12.14 2.85
N TYR A 97 -11.69 12.20 4.14
CA TYR A 97 -12.24 11.29 5.12
C TYR A 97 -13.68 11.68 5.54
N ASP A 98 -13.99 12.97 5.48
CA ASP A 98 -15.33 13.49 5.71
C ASP A 98 -16.37 12.70 4.90
N ASP A 99 -17.18 11.91 5.60
CA ASP A 99 -18.18 11.05 4.95
C ASP A 99 -19.40 11.84 4.47
N THR A 100 -19.56 13.04 5.01
CA THR A 100 -20.73 13.87 4.74
C THR A 100 -20.74 14.54 3.36
N THR A 101 -19.64 15.21 3.00
CA THR A 101 -19.59 16.09 1.83
C THR A 101 -20.00 15.48 0.48
N GLY A 102 -20.31 14.19 0.46
CA GLY A 102 -20.80 13.53 -0.74
C GLY A 102 -20.03 13.83 -2.00
N LYS A 103 -18.78 14.27 -1.83
CA LYS A 103 -17.88 14.51 -2.96
C LYS A 103 -17.61 13.19 -3.68
N ASP A 104 -17.34 13.26 -4.97
CA ASP A 104 -17.13 12.06 -5.76
C ASP A 104 -16.23 11.04 -5.03
N ILE A 105 -16.62 9.77 -5.07
CA ILE A 105 -15.90 8.70 -4.38
C ILE A 105 -14.55 8.31 -5.03
N GLN A 106 -14.41 8.51 -6.34
CA GLN A 106 -13.13 8.26 -6.98
C GLN A 106 -12.14 9.29 -6.46
N THR A 107 -12.63 10.52 -6.36
CA THR A 107 -11.88 11.65 -5.88
C THR A 107 -11.40 11.47 -4.43
N ARG A 108 -12.31 11.13 -3.53
CA ARG A 108 -11.93 10.87 -2.15
C ARG A 108 -10.94 9.72 -2.10
N ALA A 109 -11.19 8.71 -2.92
CA ALA A 109 -10.35 7.51 -2.96
C ALA A 109 -8.94 7.81 -3.48
N ASP A 110 -8.84 8.60 -4.55
CA ASP A 110 -7.58 9.16 -5.03
C ASP A 110 -6.77 9.69 -3.86
N ILE A 111 -7.34 10.66 -3.14
CA ILE A 111 -6.65 11.34 -2.07
C ILE A 111 -6.14 10.41 -0.98
N ILE A 112 -6.98 9.46 -0.59
CA ILE A 112 -6.69 8.62 0.58
C ILE A 112 -5.69 7.51 0.26
N GLN A 113 -5.88 6.87 -0.88
CA GLN A 113 -4.93 5.87 -1.37
C GLN A 113 -3.52 6.50 -1.44
N GLY A 114 -3.40 7.67 -2.04
CA GLY A 114 -2.11 8.31 -2.15
C GLY A 114 -1.55 8.69 -0.80
N SER A 115 -2.44 9.13 0.09
CA SER A 115 -2.07 9.42 1.47
C SER A 115 -1.62 8.18 2.28
N GLN A 116 -2.36 7.08 2.20
CA GLN A 116 -1.92 5.82 2.80
C GLN A 116 -0.55 5.44 2.27
N GLN A 117 -0.39 5.55 0.94
CA GLN A 117 0.87 5.26 0.29
C GLN A 117 2.00 6.15 0.87
N ASN A 118 1.72 7.44 1.07
CA ASN A 118 2.68 8.40 1.61
C ASN A 118 3.12 8.06 3.04
N ASN A 119 2.15 7.72 3.89
CA ASN A 119 2.39 7.35 5.28
C ASN A 119 3.31 6.14 5.43
N ALA A 120 3.16 5.19 4.53
CA ALA A 120 3.96 3.98 4.51
C ALA A 120 5.38 4.28 4.07
N GLU A 121 5.54 5.29 3.22
CA GLU A 121 6.88 5.69 2.77
C GLU A 121 7.65 6.38 3.87
N GLU A 122 6.99 7.23 4.65
CA GLU A 122 7.62 7.80 5.83
C GLU A 122 8.16 6.70 6.74
N VAL A 123 7.27 5.88 7.30
CA VAL A 123 7.69 4.74 8.12
C VAL A 123 8.83 3.97 7.46
N PHE A 124 8.74 3.72 6.16
CA PHE A 124 9.81 2.95 5.51
C PHE A 124 11.17 3.67 5.63
N GLU A 125 11.20 4.98 5.36
CA GLU A 125 12.45 5.73 5.42
C GLU A 125 12.81 6.23 6.82
N ASN A 126 11.84 6.19 7.72
CA ASN A 126 11.97 6.71 9.08
C ASN A 126 11.39 5.76 10.12
N PRO A 127 11.83 4.49 10.09
CA PRO A 127 11.16 3.43 10.87
C PRO A 127 11.38 3.55 12.38
N GLU A 128 12.36 4.36 12.76
CA GLU A 128 12.70 4.59 14.15
C GLU A 128 11.94 5.80 14.69
N ASN A 129 11.43 6.61 13.78
CA ASN A 129 10.63 7.76 14.15
C ASN A 129 9.30 7.37 14.76
N VAL A 130 9.26 7.26 16.07
CA VAL A 130 8.02 6.93 16.77
C VAL A 130 6.81 7.71 16.24
N GLU A 131 6.98 8.96 15.88
CA GLU A 131 5.83 9.79 15.59
C GLU A 131 5.21 9.49 14.23
N SER A 132 6.06 9.08 13.28
CA SER A 132 5.62 8.73 11.94
C SER A 132 4.73 7.50 12.03
N TYR A 133 5.27 6.46 12.64
CA TYR A 133 4.55 5.23 12.91
C TYR A 133 3.13 5.49 13.43
N ASN A 134 3.00 6.22 14.53
CA ASN A 134 1.68 6.44 15.11
C ASN A 134 0.75 7.27 14.24
N TYR A 135 1.32 7.94 13.23
CA TYR A 135 0.49 8.71 12.32
C TYR A 135 -0.16 7.74 11.32
N CYS A 136 0.67 6.80 10.89
CA CYS A 136 0.33 5.79 9.92
C CYS A 136 -0.69 4.88 10.57
N LYS A 137 -0.32 4.33 11.72
CA LYS A 137 -1.22 3.51 12.52
C LYS A 137 -2.55 4.19 12.67
N ASP A 138 -2.52 5.46 13.04
CA ASP A 138 -3.76 6.19 13.22
C ASP A 138 -4.51 6.27 11.90
N ALA A 139 -3.77 6.49 10.81
CA ALA A 139 -4.37 6.64 9.49
C ALA A 139 -4.99 5.33 9.06
N ALA A 140 -4.36 4.24 9.49
CA ALA A 140 -4.82 2.90 9.19
C ALA A 140 -6.27 2.77 9.66
N GLY A 141 -6.49 3.09 10.93
CA GLY A 141 -7.83 3.16 11.47
C GLY A 141 -8.76 3.99 10.60
N LYS A 142 -8.35 5.20 10.24
CA LYS A 142 -9.19 6.07 9.41
C LYS A 142 -9.61 5.38 8.12
N TYR A 143 -8.73 4.51 7.63
CA TYR A 143 -8.88 3.90 6.31
C TYR A 143 -9.91 2.79 6.38
N VAL A 144 -9.82 1.98 7.44
CA VAL A 144 -10.80 0.94 7.74
C VAL A 144 -12.20 1.56 7.77
N ASN A 145 -12.40 2.53 8.66
CA ASN A 145 -13.68 3.21 8.75
C ASN A 145 -14.14 3.79 7.42
N PHE A 146 -13.19 3.99 6.52
CA PHE A 146 -13.48 4.60 5.22
C PHE A 146 -13.93 3.53 4.23
N ILE A 147 -13.27 2.37 4.32
CA ILE A 147 -13.54 1.26 3.43
C ILE A 147 -14.90 0.64 3.75
N MET A 148 -15.12 0.32 5.03
CA MET A 148 -16.37 -0.31 5.45
C MET A 148 -17.52 0.65 5.18
N SER A 149 -17.36 1.89 5.62
CA SER A 149 -18.45 2.86 5.62
C SER A 149 -18.78 3.48 4.26
N ASN A 150 -18.23 2.92 3.17
CA ASN A 150 -18.51 3.41 1.82
C ASN A 150 -18.52 2.25 0.80
N ALA A 151 -19.65 2.02 0.14
CA ALA A 151 -19.78 0.87 -0.77
C ALA A 151 -18.82 1.00 -1.94
N GLN A 152 -18.68 2.22 -2.43
CA GLN A 152 -17.87 2.50 -3.60
C GLN A 152 -16.38 2.35 -3.34
N ALA A 153 -15.95 2.83 -2.17
CA ALA A 153 -14.53 2.87 -1.77
C ALA A 153 -13.64 1.83 -2.44
N LEU A 154 -13.86 0.56 -2.14
CA LEU A 154 -12.98 -0.50 -2.61
C LEU A 154 -12.78 -0.48 -4.12
N SER A 155 -13.87 -0.41 -4.87
CA SER A 155 -13.79 -0.51 -6.32
C SER A 155 -13.14 0.72 -6.92
N ALA A 156 -13.17 1.81 -6.15
CA ALA A 156 -12.59 3.11 -6.52
C ALA A 156 -11.09 3.13 -6.25
N VAL A 157 -10.72 2.66 -5.06
CA VAL A 157 -9.32 2.48 -4.71
C VAL A 157 -8.67 1.44 -5.63
N MET A 158 -9.44 0.46 -6.07
CA MET A 158 -8.90 -0.56 -6.97
C MET A 158 -8.75 -0.03 -8.39
N ASN A 159 -9.34 1.12 -8.67
CA ASN A 159 -9.16 1.74 -9.98
C ASN A 159 -7.77 2.35 -10.16
N ILE A 160 -7.19 2.83 -9.06
CA ILE A 160 -5.87 3.43 -9.09
C ILE A 160 -4.78 2.37 -9.25
N GLU A 161 -4.26 2.25 -10.48
CA GLU A 161 -3.24 1.26 -10.83
C GLU A 161 -1.92 1.51 -10.14
N ASN A 162 -1.14 0.44 -9.98
CA ASN A 162 0.23 0.56 -9.50
C ASN A 162 1.20 0.61 -10.68
N THR A 163 1.04 1.66 -11.50
CA THR A 163 1.87 1.88 -12.69
C THR A 163 3.36 1.79 -12.35
N ASP A 164 3.76 2.45 -11.27
CA ASP A 164 5.12 2.41 -10.76
C ASP A 164 5.58 1.02 -10.27
N LYS A 165 4.64 0.18 -9.82
CA LYS A 165 4.94 -1.13 -9.21
C LYS A 165 5.68 -0.97 -7.88
N THR A 166 5.38 0.09 -7.14
CA THR A 166 6.03 0.36 -5.84
C THR A 166 5.41 -0.42 -4.67
N ILE A 167 6.27 -0.93 -3.79
CA ILE A 167 5.86 -1.66 -2.61
C ILE A 167 4.93 -0.85 -1.68
N SER A 168 5.09 0.48 -1.69
CA SER A 168 4.24 1.35 -0.89
C SER A 168 2.77 1.35 -1.37
N HIS A 169 2.60 1.41 -2.69
CA HIS A 169 1.28 1.41 -3.31
C HIS A 169 0.67 -0.02 -3.23
N HIS A 170 1.53 -1.01 -3.44
CA HIS A 170 1.15 -2.40 -3.39
C HIS A 170 0.74 -2.78 -1.98
N GLY A 171 1.30 -2.09 -1.00
CA GLY A 171 0.94 -2.30 0.39
C GLY A 171 -0.39 -1.65 0.70
N VAL A 172 -0.71 -0.55 0.03
CA VAL A 172 -2.03 0.02 0.17
C VAL A 172 -3.06 -0.93 -0.43
N THR A 173 -2.68 -1.61 -1.50
CA THR A 173 -3.59 -2.51 -2.22
C THR A 173 -3.92 -3.73 -1.37
N VAL A 174 -2.87 -4.36 -0.85
CA VAL A 174 -2.99 -5.50 0.05
C VAL A 174 -3.81 -5.17 1.31
N SER A 175 -3.52 -4.05 1.94
CA SER A 175 -4.35 -3.65 3.07
C SER A 175 -5.82 -3.56 2.67
N THR A 176 -6.10 -2.99 1.49
CA THR A 176 -7.47 -2.89 0.98
C THR A 176 -8.16 -4.26 0.83
N LEU A 177 -7.53 -5.18 0.11
CA LEU A 177 -8.02 -6.54 0.01
C LEU A 177 -8.16 -7.11 1.42
N SER A 178 -7.18 -6.81 2.26
CA SER A 178 -7.19 -7.36 3.60
C SER A 178 -8.41 -6.93 4.44
N ILE A 179 -8.81 -5.67 4.30
CA ILE A 179 -9.97 -5.16 5.02
C ILE A 179 -11.25 -5.84 4.53
N ALA A 180 -11.42 -5.88 3.21
CA ALA A 180 -12.60 -6.47 2.61
C ALA A 180 -12.70 -7.95 3.03
N LEU A 181 -11.58 -8.65 2.91
CA LEU A 181 -11.48 -10.03 3.34
C LEU A 181 -11.86 -10.13 4.82
N ALA A 182 -11.23 -9.30 5.64
CA ALA A 182 -11.50 -9.29 7.07
C ALA A 182 -13.00 -9.21 7.36
N GLN A 183 -13.71 -8.43 6.55
CA GLN A 183 -15.14 -8.25 6.72
C GLN A 183 -15.95 -9.53 6.39
N LYS A 184 -15.62 -10.16 5.27
CA LYS A 184 -16.22 -11.44 4.90
C LYS A 184 -16.04 -12.45 6.04
N LEU A 185 -14.84 -12.49 6.63
CA LEU A 185 -14.53 -13.46 7.68
C LEU A 185 -15.12 -13.04 9.03
N GLY A 186 -15.93 -11.98 9.00
CA GLY A 186 -16.60 -11.49 10.19
C GLY A 186 -15.64 -11.07 11.29
N ILE A 187 -14.45 -10.62 10.90
CA ILE A 187 -13.52 -10.01 11.83
C ILE A 187 -13.89 -8.55 12.08
N THR A 188 -14.15 -8.22 13.34
CA THR A 188 -14.85 -6.98 13.69
C THR A 188 -14.10 -6.06 14.67
N ASP A 189 -13.22 -6.63 15.48
CA ASP A 189 -12.45 -5.87 16.47
C ASP A 189 -11.66 -4.72 15.82
N PRO A 190 -12.05 -3.46 16.09
CA PRO A 190 -11.39 -2.29 15.50
C PRO A 190 -9.88 -2.25 15.78
N LYS A 191 -9.47 -2.66 16.98
CA LYS A 191 -8.05 -2.72 17.29
C LYS A 191 -7.36 -3.69 16.35
N LYS A 192 -8.12 -4.65 15.87
CA LYS A 192 -7.60 -5.73 15.02
C LYS A 192 -7.62 -5.42 13.52
N THR A 193 -8.71 -4.83 13.04
CA THR A 193 -8.74 -4.42 11.65
C THR A 193 -7.73 -3.29 11.47
N GLN A 194 -7.68 -2.41 12.44
CA GLN A 194 -6.66 -1.38 12.46
C GLN A 194 -5.26 -1.98 12.40
N LEU A 195 -4.90 -2.81 13.37
CA LEU A 195 -3.59 -3.43 13.36
C LEU A 195 -3.34 -4.28 12.11
N LEU A 196 -4.41 -4.82 11.52
CA LEU A 196 -4.26 -5.67 10.33
C LEU A 196 -3.88 -4.82 9.11
N THR A 197 -4.62 -3.75 8.93
CA THR A 197 -4.37 -2.79 7.88
C THR A 197 -2.95 -2.21 7.92
N LEU A 198 -2.55 -1.64 9.06
CA LEU A 198 -1.22 -1.09 9.26
C LEU A 198 -0.11 -2.06 8.90
N GLY A 199 -0.27 -3.30 9.31
CA GLY A 199 0.72 -4.32 9.00
C GLY A 199 0.71 -4.76 7.55
N ALA A 200 -0.44 -4.58 6.89
CA ALA A 200 -0.52 -4.90 5.47
C ALA A 200 0.16 -3.78 4.69
N LEU A 201 -0.11 -2.56 5.13
CA LEU A 201 0.50 -1.37 4.58
C LEU A 201 2.03 -1.49 4.59
N LEU A 202 2.59 -1.82 5.74
CA LEU A 202 4.03 -1.89 5.93
C LEU A 202 4.57 -3.23 5.56
N HIS A 203 3.70 -4.07 5.02
CA HIS A 203 3.98 -5.50 4.95
C HIS A 203 5.29 -5.84 4.22
N ASP A 204 5.70 -4.98 3.29
CA ASP A 204 6.84 -5.31 2.48
C ASP A 204 8.10 -4.50 2.77
N TYR A 205 8.17 -3.90 3.97
CA TYR A 205 9.29 -3.05 4.31
C TYR A 205 10.67 -3.67 4.05
N GLY A 206 10.72 -4.98 3.90
CA GLY A 206 11.96 -5.70 3.73
C GLY A 206 12.42 -5.69 2.30
N HIS A 207 11.54 -5.24 1.41
CA HIS A 207 11.91 -5.04 0.02
C HIS A 207 12.54 -3.67 -0.16
N HIS A 208 12.35 -2.79 0.82
CA HIS A 208 12.83 -1.41 0.77
C HIS A 208 14.31 -1.28 0.42
N HIS A 209 14.63 -0.34 -0.47
CA HIS A 209 15.98 -0.20 -1.01
C HIS A 209 16.58 -1.56 -1.33
N SER A 210 16.03 -2.23 -2.33
CA SER A 210 16.56 -3.54 -2.70
C SER A 210 16.76 -3.68 -4.21
N PRO A 211 17.85 -4.37 -4.61
CA PRO A 211 18.25 -4.52 -6.02
C PRO A 211 17.23 -5.34 -6.81
N LEU A 212 16.37 -6.03 -6.09
CA LEU A 212 15.47 -7.00 -6.68
C LEU A 212 14.34 -6.34 -7.45
N ASN A 213 14.18 -6.76 -8.71
CA ASN A 213 13.06 -6.34 -9.51
C ASN A 213 11.86 -7.26 -9.27
N LEU A 214 10.85 -6.73 -8.59
CA LEU A 214 9.69 -7.52 -8.21
C LEU A 214 8.79 -7.79 -9.40
N ASN A 215 8.91 -6.99 -10.46
CA ASN A 215 7.97 -7.04 -11.56
C ASN A 215 8.07 -8.29 -12.45
N GLN A 216 8.40 -9.42 -11.84
CA GLN A 216 8.50 -10.69 -12.55
C GLN A 216 7.89 -11.83 -11.72
N PRO A 217 7.56 -12.96 -12.36
CA PRO A 217 7.01 -14.10 -11.62
C PRO A 217 8.07 -14.84 -10.84
N LEU A 218 7.72 -15.40 -9.68
CA LEU A 218 8.70 -16.06 -8.83
C LEU A 218 9.22 -17.35 -9.46
N ASP A 219 8.49 -17.86 -10.45
CA ASP A 219 8.92 -19.06 -11.15
C ASP A 219 10.00 -18.72 -12.18
N SER A 220 9.87 -17.52 -12.74
CA SER A 220 10.79 -17.07 -13.77
C SER A 220 11.97 -16.36 -13.13
N MET A 221 12.20 -16.61 -11.85
CA MET A 221 13.28 -15.96 -11.14
C MET A 221 14.57 -16.77 -11.14
N SER A 222 15.69 -16.06 -11.35
CA SER A 222 17.02 -16.65 -11.23
C SER A 222 17.29 -16.96 -9.78
N PRO A 223 18.06 -18.04 -9.53
CA PRO A 223 18.33 -18.44 -8.14
C PRO A 223 18.93 -17.29 -7.34
N GLU A 224 19.58 -16.35 -8.02
CA GLU A 224 20.16 -15.18 -7.36
C GLU A 224 19.07 -14.23 -6.89
N ASP A 225 17.98 -14.17 -7.66
CA ASP A 225 16.82 -13.36 -7.31
C ASP A 225 15.96 -14.06 -6.25
N LEU A 226 15.59 -15.31 -6.55
CA LEU A 226 14.70 -16.06 -5.67
C LEU A 226 15.21 -16.11 -4.24
N ALA A 227 16.53 -16.25 -4.08
CA ALA A 227 17.14 -16.36 -2.76
C ALA A 227 17.22 -14.99 -2.09
N LEU A 228 17.19 -13.95 -2.91
CA LEU A 228 17.19 -12.56 -2.46
C LEU A 228 15.78 -12.18 -2.05
N TRP A 229 14.81 -12.80 -2.73
CA TRP A 229 13.40 -12.63 -2.44
C TRP A 229 13.02 -13.37 -1.14
N LYS A 230 13.46 -14.61 -1.01
CA LYS A 230 13.15 -15.41 0.18
C LYS A 230 13.59 -14.74 1.49
N LYS A 231 14.62 -13.90 1.41
CA LYS A 231 15.18 -13.29 2.61
C LYS A 231 14.31 -12.16 3.14
N HIS A 232 13.48 -11.59 2.28
CA HIS A 232 12.84 -10.32 2.58
C HIS A 232 11.88 -10.25 3.75
N PRO A 233 11.17 -11.36 4.05
CA PRO A 233 10.32 -11.21 5.24
C PRO A 233 11.19 -11.33 6.49
N ILE A 234 12.08 -12.33 6.51
CA ILE A 234 12.92 -12.56 7.68
C ILE A 234 13.78 -11.31 7.97
N GLU A 235 14.32 -10.69 6.93
CA GLU A 235 15.13 -9.49 7.10
C GLU A 235 14.29 -8.27 7.46
N GLY A 236 13.18 -8.11 6.76
CA GLY A 236 12.31 -6.97 7.02
C GLY A 236 11.87 -6.93 8.47
N ALA A 237 11.64 -8.10 9.06
CA ALA A 237 11.20 -8.20 10.45
C ALA A 237 12.35 -7.99 11.45
N GLN A 238 13.55 -8.48 11.12
CA GLN A 238 14.72 -8.26 11.95
C GLN A 238 14.96 -6.77 12.16
N LYS A 239 14.60 -5.99 11.15
CA LYS A 239 14.88 -4.57 11.17
C LYS A 239 13.87 -3.75 11.96
N VAL A 240 12.88 -4.38 12.58
CA VAL A 240 11.87 -3.59 13.32
C VAL A 240 11.33 -4.23 14.61
N GLN A 241 11.71 -5.47 14.87
CA GLN A 241 11.24 -6.17 16.08
C GLN A 241 11.84 -5.55 17.33
N ASP A 242 12.89 -4.76 17.14
CA ASP A 242 13.70 -4.20 18.22
C ASP A 242 13.21 -2.83 18.64
N LYS A 243 12.34 -2.25 17.82
CA LYS A 243 11.81 -0.92 18.07
C LYS A 243 10.51 -0.95 18.86
N LYS A 244 10.58 -0.52 20.11
CA LYS A 244 9.46 -0.66 21.05
C LYS A 244 8.12 -0.12 20.55
N HIS A 245 8.14 0.81 19.61
CA HIS A 245 6.90 1.47 19.21
C HIS A 245 6.09 0.63 18.22
N PHE A 246 6.72 -0.43 17.75
CA PHE A 246 6.12 -1.33 16.77
C PHE A 246 5.22 -2.38 17.43
N ASP A 247 3.96 -2.41 17.01
CA ASP A 247 3.06 -3.45 17.45
C ASP A 247 3.51 -4.84 17.00
N GLN A 248 3.20 -5.85 17.81
CA GLN A 248 3.65 -7.20 17.53
C GLN A 248 2.87 -7.82 16.38
N THR A 249 1.57 -7.54 16.30
CA THR A 249 0.80 -7.96 15.14
C THR A 249 1.52 -7.52 13.85
N VAL A 250 1.90 -6.23 13.79
CA VAL A 250 2.66 -5.70 12.66
C VAL A 250 4.02 -6.40 12.40
N ILE A 251 4.85 -6.54 13.42
CA ILE A 251 6.08 -7.31 13.23
C ILE A 251 5.78 -8.67 12.61
N ASN A 252 4.81 -9.35 13.19
CA ASN A 252 4.36 -10.66 12.70
C ASN A 252 3.93 -10.65 11.25
N ILE A 253 2.99 -9.77 10.93
CA ILE A 253 2.57 -9.58 9.54
C ILE A 253 3.79 -9.36 8.62
N ILE A 254 4.64 -8.37 8.94
CA ILE A 254 5.85 -8.14 8.13
C ILE A 254 6.67 -9.43 8.00
N GLY A 255 6.84 -10.15 9.10
CA GLY A 255 7.69 -11.32 9.07
C GLY A 255 7.09 -12.56 8.43
N GLN A 256 5.76 -12.67 8.46
CA GLN A 256 5.10 -13.95 8.16
C GLN A 256 4.23 -14.01 6.92
N HIS A 257 4.13 -12.92 6.16
CA HIS A 257 3.13 -12.79 5.09
C HIS A 257 3.42 -13.62 3.81
N GLU A 258 4.59 -14.26 3.76
CA GLU A 258 4.95 -15.06 2.59
C GLU A 258 4.81 -16.51 2.96
N GLU A 259 4.43 -16.74 4.22
CA GLU A 259 4.19 -18.10 4.70
C GLU A 259 2.90 -18.64 4.12
N THR A 260 2.87 -19.92 3.80
CA THR A 260 1.72 -20.57 3.17
C THR A 260 1.23 -21.76 4.02
N ILE A 261 -0.08 -21.99 4.07
CA ILE A 261 -0.63 -23.00 5.02
C ILE A 261 -0.09 -24.43 4.86
N ASN A 262 0.45 -24.76 3.69
CA ASN A 262 1.14 -26.03 3.54
C ASN A 262 2.64 -25.87 3.74
N GLY A 263 3.02 -24.79 4.41
CA GLY A 263 4.40 -24.54 4.80
C GLY A 263 5.41 -24.50 3.67
N THR A 264 5.04 -23.90 2.55
CA THR A 264 5.95 -23.82 1.41
C THR A 264 6.60 -22.43 1.31
N GLY A 265 6.20 -21.52 2.20
CA GLY A 265 6.73 -20.17 2.25
C GLY A 265 8.10 -20.21 2.85
N PRO A 266 8.77 -19.05 2.95
CA PRO A 266 10.21 -18.89 3.24
C PRO A 266 10.65 -19.45 4.59
N LYS A 267 9.95 -19.11 5.67
CA LYS A 267 10.24 -19.65 6.99
C LYS A 267 9.68 -21.09 7.13
N GLY A 268 8.72 -21.44 6.28
CA GLY A 268 8.17 -22.77 6.27
C GLY A 268 7.20 -22.96 7.43
N LEU A 269 6.47 -21.91 7.78
CA LEU A 269 5.46 -21.99 8.82
C LEU A 269 4.17 -22.58 8.25
N ARG A 270 3.39 -23.22 9.14
CA ARG A 270 2.03 -23.69 8.83
C ARG A 270 1.03 -22.92 9.69
N GLU A 271 -0.24 -22.91 9.28
CA GLU A 271 -1.25 -22.06 9.92
C GLU A 271 -1.19 -21.95 11.45
N LYS A 272 -0.82 -23.06 12.12
CA LYS A 272 -0.70 -23.10 13.58
C LYS A 272 0.35 -22.15 14.14
N ASP A 273 1.43 -21.95 13.36
CA ASP A 273 2.60 -21.18 13.76
C ASP A 273 2.45 -19.67 13.56
N MET A 274 1.38 -19.26 12.91
CA MET A 274 1.25 -17.88 12.45
C MET A 274 0.33 -16.98 13.23
N ASP A 275 0.41 -15.69 12.97
CA ASP A 275 -0.61 -14.80 13.42
C ASP A 275 -1.78 -15.07 12.50
N PRO A 276 -2.98 -15.20 13.08
CA PRO A 276 -4.13 -15.45 12.21
C PRO A 276 -4.25 -14.33 11.18
N LEU A 277 -4.06 -13.11 11.65
CA LEU A 277 -4.07 -11.93 10.80
C LEU A 277 -3.00 -11.94 9.70
N ALA A 278 -1.94 -12.70 9.89
CA ALA A 278 -0.90 -12.75 8.87
C ALA A 278 -1.22 -13.77 7.78
N VAL A 279 -2.07 -14.74 8.12
CA VAL A 279 -2.61 -15.71 7.17
C VAL A 279 -3.49 -14.94 6.22
N LEU A 280 -4.29 -14.08 6.82
CA LEU A 280 -5.26 -13.30 6.10
C LEU A 280 -4.54 -12.31 5.18
N VAL A 281 -3.38 -11.82 5.60
CA VAL A 281 -2.58 -10.90 4.76
C VAL A 281 -1.84 -11.71 3.70
N SER A 282 -1.34 -12.88 4.09
CA SER A 282 -0.63 -13.73 3.14
C SER A 282 -1.51 -14.08 1.93
N SER A 283 -2.83 -14.02 2.09
CA SER A 283 -3.70 -14.42 0.99
C SER A 283 -4.00 -13.22 0.11
N ALA A 284 -4.28 -12.09 0.76
CA ALA A 284 -4.52 -10.83 0.07
C ALA A 284 -3.27 -10.39 -0.71
N ASN A 285 -2.08 -10.77 -0.24
CA ASN A 285 -0.85 -10.48 -0.97
C ASN A 285 -0.64 -11.37 -2.17
N ALA A 286 -0.92 -12.65 -2.01
CA ALA A 286 -0.80 -13.59 -3.13
C ALA A 286 -1.63 -13.09 -4.31
N MET A 287 -2.76 -12.44 -4.05
CA MET A 287 -3.60 -11.97 -5.13
C MET A 287 -2.93 -10.83 -5.89
N ASP A 288 -2.46 -9.82 -5.18
CA ASP A 288 -1.86 -8.67 -5.85
C ASP A 288 -0.47 -8.91 -6.48
N ARG A 289 0.35 -9.76 -5.89
CA ARG A 289 1.57 -10.14 -6.57
C ARG A 289 1.21 -10.63 -7.95
N LEU A 290 0.12 -11.39 -8.07
CA LEU A 290 -0.29 -11.88 -9.37
C LEU A 290 -0.75 -10.73 -10.25
N ILE A 291 -1.76 -9.99 -9.79
CA ILE A 291 -2.35 -8.92 -10.59
C ILE A 291 -1.29 -7.90 -10.99
N THR A 292 -0.54 -7.42 -10.01
CA THR A 292 0.34 -6.28 -10.19
C THR A 292 1.76 -6.64 -10.63
N PHE A 293 2.40 -7.56 -9.93
CA PHE A 293 3.77 -7.97 -10.26
C PHE A 293 3.89 -9.02 -11.37
N GLU A 294 2.78 -9.61 -11.80
CA GLU A 294 2.84 -10.73 -12.73
C GLU A 294 1.85 -10.58 -13.88
N GLY A 295 1.14 -9.45 -13.87
CA GLY A 295 0.27 -9.07 -14.97
C GLY A 295 -0.91 -9.98 -15.23
N VAL A 296 -1.26 -10.82 -14.26
CA VAL A 296 -2.47 -11.63 -14.34
C VAL A 296 -3.69 -10.75 -14.20
N PRO A 297 -4.64 -10.86 -15.14
CA PRO A 297 -5.84 -10.02 -15.05
C PRO A 297 -6.65 -10.30 -13.79
N LYS A 298 -7.25 -9.26 -13.21
CA LYS A 298 -8.00 -9.38 -11.95
C LYS A 298 -8.87 -10.61 -11.90
N ALA A 299 -9.62 -10.82 -12.96
CA ALA A 299 -10.62 -11.89 -13.03
C ALA A 299 -10.03 -13.30 -12.88
N GLU A 300 -8.80 -13.49 -13.29
CA GLU A 300 -8.24 -14.85 -13.36
C GLU A 300 -7.24 -15.17 -12.28
N ALA A 301 -7.01 -14.23 -11.37
CA ALA A 301 -5.99 -14.37 -10.33
C ALA A 301 -6.40 -15.45 -9.34
N ALA A 302 -7.64 -15.33 -8.88
CA ALA A 302 -8.19 -16.28 -7.91
C ALA A 302 -8.09 -17.67 -8.48
N LYS A 303 -8.42 -17.81 -9.76
CA LYS A 303 -8.35 -19.11 -10.43
C LYS A 303 -6.92 -19.63 -10.47
N LYS A 304 -6.00 -18.78 -10.91
CA LYS A 304 -4.59 -19.14 -11.00
C LYS A 304 -4.12 -19.76 -9.68
N LEU A 305 -4.55 -19.16 -8.59
CA LEU A 305 -4.15 -19.59 -7.27
C LEU A 305 -4.79 -20.91 -6.90
N MET A 306 -6.08 -21.06 -7.19
CA MET A 306 -6.76 -22.30 -6.87
C MET A 306 -6.09 -23.48 -7.54
N ILE A 307 -5.55 -23.26 -8.74
CA ILE A 307 -4.91 -24.33 -9.48
C ILE A 307 -3.39 -24.39 -9.32
N ASP A 308 -2.69 -23.36 -9.80
CA ASP A 308 -1.23 -23.35 -9.81
C ASP A 308 -0.61 -23.10 -8.43
N HIS A 309 -1.43 -22.66 -7.48
CA HIS A 309 -0.95 -22.47 -6.11
C HIS A 309 -1.81 -23.28 -5.15
N VAL A 310 -2.16 -24.49 -5.55
CA VAL A 310 -3.01 -25.35 -4.74
C VAL A 310 -2.32 -25.71 -3.41
N GLY A 311 -3.04 -25.49 -2.32
CA GLY A 311 -2.56 -25.84 -0.99
C GLY A 311 -2.01 -24.70 -0.16
N LYS A 312 -1.66 -23.59 -0.80
CA LYS A 312 -0.93 -22.52 -0.13
C LYS A 312 -1.79 -21.56 0.70
N HIS A 313 -3.08 -21.49 0.43
CA HIS A 313 -3.94 -20.50 1.07
C HIS A 313 -5.32 -21.03 1.44
N PRO A 314 -5.88 -20.53 2.55
CA PRO A 314 -7.22 -20.96 2.93
C PRO A 314 -8.14 -20.76 1.74
N LEU A 315 -8.69 -21.85 1.21
CA LEU A 315 -9.53 -21.79 0.02
C LEU A 315 -10.70 -20.83 0.28
N GLN A 316 -11.13 -20.77 1.53
CA GLN A 316 -12.16 -19.83 1.93
C GLN A 316 -11.72 -18.37 1.69
N HIS A 317 -10.44 -18.08 1.98
CA HIS A 317 -9.86 -16.76 1.74
C HIS A 317 -9.85 -16.50 0.26
N ILE A 318 -9.35 -17.49 -0.48
CA ILE A 318 -9.28 -17.42 -1.93
C ILE A 318 -10.67 -17.20 -2.54
N GLN A 319 -11.66 -17.95 -2.07
CA GLN A 319 -13.04 -17.79 -2.52
C GLN A 319 -13.52 -16.37 -2.31
N HIS A 320 -13.40 -15.87 -1.07
CA HIS A 320 -13.87 -14.53 -0.73
C HIS A 320 -13.23 -13.43 -1.57
N LEU A 321 -11.94 -13.59 -1.85
CA LEU A 321 -11.21 -12.58 -2.61
C LEU A 321 -11.68 -12.55 -4.06
N ASN A 322 -12.03 -13.73 -4.56
CA ASN A 322 -12.67 -13.92 -5.85
C ASN A 322 -13.98 -13.14 -5.94
N ASP A 323 -14.79 -13.22 -4.87
CA ASP A 323 -16.04 -12.47 -4.78
C ASP A 323 -15.78 -10.98 -4.78
N ILE A 324 -14.90 -10.55 -3.86
CA ILE A 324 -14.57 -9.15 -3.68
C ILE A 324 -14.22 -8.50 -5.00
N LEU A 325 -13.37 -9.18 -5.77
CA LEU A 325 -12.91 -8.65 -7.03
C LEU A 325 -14.06 -8.31 -7.97
N LYS A 326 -14.94 -9.28 -8.21
CA LYS A 326 -16.15 -8.99 -8.96
C LYS A 326 -17.30 -8.58 -8.03
FE FE B . 3.91 -8.04 -1.30
FE FE C . 6.45 -9.82 0.30
P PO4 D . 5.95 -9.97 -2.96
O1 PO4 D . 6.78 -9.77 -4.21
O2 PO4 D . 4.80 -9.00 -2.90
O3 PO4 D . 5.39 -11.39 -2.99
O4 PO4 D . 6.84 -9.81 -1.76
#